data_7SUH
#
_entry.id   7SUH
#
_cell.length_a   44.800
_cell.length_b   65.040
_cell.length_c   53.550
_cell.angle_alpha   90.000
_cell.angle_beta   102.080
_cell.angle_gamma   90.000
#
_symmetry.space_group_name_H-M   'P 1 21 1'
#
loop_
_entity.id
_entity.type
_entity.pdbx_description
1 polymer 'Serine/threonine-protein kinase Chk1'
2 non-polymer 1-[5-chloro-4-({6-chloro-7-[1-(oxetan-3-yl)piperidin-4-yl]quinazolin-2-yl}amino)-1H-pyrazol-1-yl]-2-methylpropan-2-ol
3 water water
#
_entity_poly.entity_id   1
_entity_poly.type   'polypeptide(L)'
_entity_poly.pdbx_seq_one_letter_code
;MAVPFVEDWDLVQTLGEGAYGEVQLAVNRVTEEAVAVKIVDMKRAVDCPENIKKEICILKMLNHENVIKFYGHRREGNIQ
YLFMELASGGSLFDRIEPDIGMPEPDAQRFFHQLMAGVVYLHGIGITHRDIKPHNLLLDERDNLKIADYSLATVFRYNNR
ERLLNKMCGTLPYVAPELLKRREFHAEPVDVWSCGIVLTAMLAGELPWDQPSDSCQEYSDWKEKKTYLNPWKKIDSAPLA
LLHKILVENPSARITIPDIKKDRWYNKPLKKGAKRPRVTSGGVSESPSGHHHHHHHH
;
_entity_poly.pdbx_strand_id   A
#
loop_
_chem_comp.id
_chem_comp.type
_chem_comp.name
_chem_comp.formula
BXI non-polymer 1-[5-chloro-4-({6-chloro-7-[1-(oxetan-3-yl)piperidin-4-yl]quinazolin-2-yl}amino)-1H-pyrazol-1-yl]-2-methylpropan-2-ol 'C23 H28 Cl2 N6 O2'
#
# COMPACT_ATOMS: atom_id res chain seq x y z
N PRO A 4 -23.02 17.48 -6.26
CA PRO A 4 -22.60 18.00 -4.94
C PRO A 4 -21.44 18.98 -5.06
N PHE A 5 -21.09 19.68 -3.95
CA PHE A 5 -20.00 20.66 -3.92
C PHE A 5 -19.54 21.00 -2.51
N VAL A 6 -18.32 21.56 -2.38
CA VAL A 6 -17.73 22.04 -1.12
C VAL A 6 -17.00 23.33 -1.44
N GLU A 7 -17.39 24.44 -0.78
CA GLU A 7 -16.78 25.76 -0.97
C GLU A 7 -16.79 26.12 -2.47
N ASP A 8 -15.60 26.18 -3.10
CA ASP A 8 -15.40 26.52 -4.51
C ASP A 8 -15.17 25.28 -5.41
N TRP A 9 -15.17 24.08 -4.79
CA TRP A 9 -14.93 22.79 -5.45
C TRP A 9 -16.20 22.04 -5.75
N ASP A 10 -16.29 21.49 -6.96
CA ASP A 10 -17.40 20.65 -7.38
C ASP A 10 -16.96 19.20 -7.28
N LEU A 11 -17.80 18.33 -6.70
CA LEU A 11 -17.55 16.91 -6.55
C LEU A 11 -18.23 16.26 -7.75
N VAL A 12 -17.43 15.94 -8.77
CA VAL A 12 -17.85 15.47 -10.09
C VAL A 12 -17.96 13.93 -10.22
N GLN A 13 -16.97 13.16 -9.70
CA GLN A 13 -16.99 11.71 -9.88
C GLN A 13 -16.37 10.94 -8.72
N THR A 14 -16.98 9.78 -8.36
CA THR A 14 -16.51 8.86 -7.32
C THR A 14 -15.20 8.22 -7.78
N LEU A 15 -14.23 8.16 -6.89
CA LEU A 15 -12.93 7.57 -7.15
C LEU A 15 -12.69 6.33 -6.27
N GLY A 16 -13.71 5.95 -5.49
CA GLY A 16 -13.67 4.78 -4.63
C GLY A 16 -14.24 5.06 -3.26
N GLU A 17 -14.43 4.00 -2.46
CA GLU A 17 -14.95 4.11 -1.10
C GLU A 17 -14.31 3.05 -0.19
N GLY A 18 -13.88 3.48 0.99
CA GLY A 18 -13.28 2.62 1.99
C GLY A 18 -14.23 2.33 3.15
N ALA A 19 -13.69 1.80 4.26
CA ALA A 19 -14.43 1.50 5.49
C ALA A 19 -15.02 2.78 6.05
N TYR A 20 -14.33 3.92 5.84
CA TYR A 20 -14.75 5.26 6.28
C TYR A 20 -14.78 6.25 5.10
N GLY A 21 -16.00 6.55 4.63
CA GLY A 21 -16.28 7.52 3.58
C GLY A 21 -16.14 7.12 2.12
N GLU A 22 -16.16 8.16 1.25
CA GLU A 22 -16.05 8.09 -0.20
C GLU A 22 -15.06 9.17 -0.69
N VAL A 23 -14.26 8.83 -1.71
CA VAL A 23 -13.30 9.76 -2.33
C VAL A 23 -13.92 10.24 -3.63
N GLN A 24 -13.95 11.57 -3.85
CA GLN A 24 -14.56 12.21 -5.02
C GLN A 24 -13.57 13.11 -5.74
N LEU A 25 -13.78 13.29 -7.06
CA LEU A 25 -12.94 14.16 -7.88
C LEU A 25 -13.44 15.60 -7.69
N ALA A 26 -12.60 16.46 -7.11
CA ALA A 26 -12.95 17.85 -6.86
C ALA A 26 -12.35 18.83 -7.88
N VAL A 27 -13.22 19.40 -8.73
CA VAL A 27 -12.84 20.37 -9.76
C VAL A 27 -13.21 21.78 -9.24
N ASN A 28 -12.19 22.61 -9.00
CA ASN A 28 -12.33 23.99 -8.53
C ASN A 28 -12.93 24.77 -9.72
N ARG A 29 -14.17 25.26 -9.56
CA ARG A 29 -14.92 25.98 -10.61
C ARG A 29 -14.16 27.19 -11.21
N VAL A 30 -13.35 27.86 -10.38
CA VAL A 30 -12.55 29.03 -10.71
C VAL A 30 -11.22 28.65 -11.39
N THR A 31 -10.30 27.95 -10.65
CA THR A 31 -8.94 27.63 -11.10
C THR A 31 -8.85 26.41 -12.05
N GLU A 32 -9.87 25.53 -12.06
CA GLU A 32 -9.93 24.32 -12.90
C GLU A 32 -9.02 23.20 -12.38
N GLU A 33 -8.34 23.46 -11.24
CA GLU A 33 -7.46 22.53 -10.55
C GLU A 33 -8.29 21.31 -10.15
N ALA A 34 -7.77 20.11 -10.39
CA ALA A 34 -8.46 18.90 -10.04
C ALA A 34 -7.72 18.24 -8.86
N VAL A 35 -8.44 17.99 -7.77
CA VAL A 35 -7.90 17.34 -6.58
C VAL A 35 -8.79 16.15 -6.23
N ALA A 36 -8.49 15.44 -5.14
CA ALA A 36 -9.33 14.35 -4.66
C ALA A 36 -9.75 14.71 -3.25
N VAL A 37 -11.01 14.44 -2.90
CA VAL A 37 -11.59 14.75 -1.61
C VAL A 37 -12.21 13.52 -0.97
N LYS A 38 -11.72 13.18 0.23
CA LYS A 38 -12.25 12.10 1.04
C LYS A 38 -13.36 12.75 1.89
N ILE A 39 -14.59 12.29 1.72
CA ILE A 39 -15.75 12.78 2.45
C ILE A 39 -16.05 11.77 3.58
N VAL A 40 -15.95 12.23 4.84
CA VAL A 40 -16.14 11.40 6.02
C VAL A 40 -17.35 11.86 6.86
N ASP A 41 -18.23 10.92 7.24
CA ASP A 41 -19.40 11.16 8.09
C ASP A 41 -19.01 10.95 9.57
N MET A 42 -19.40 11.91 10.45
CA MET A 42 -19.15 11.93 11.91
C MET A 42 -17.67 12.00 12.24
N PRO A 49 -14.37 10.47 14.59
CA PRO A 49 -13.99 11.67 15.34
C PRO A 49 -12.57 11.61 15.91
N GLU A 50 -12.20 10.48 16.58
CA GLU A 50 -10.87 10.27 17.17
C GLU A 50 -9.85 9.79 16.14
N ASN A 51 -10.29 8.93 15.19
CA ASN A 51 -9.47 8.38 14.12
C ASN A 51 -9.18 9.43 13.03
N ILE A 52 -10.14 10.34 12.75
CA ILE A 52 -9.98 11.40 11.74
C ILE A 52 -8.98 12.46 12.19
N LYS A 53 -8.95 12.76 13.52
CA LYS A 53 -8.02 13.72 14.14
C LYS A 53 -6.60 13.15 14.01
N LYS A 54 -6.47 11.82 14.17
CA LYS A 54 -5.22 11.05 14.03
C LYS A 54 -4.78 11.06 12.57
N GLU A 55 -5.70 10.71 11.65
CA GLU A 55 -5.45 10.65 10.21
C GLU A 55 -4.95 11.99 9.66
N ILE A 56 -5.60 13.12 10.03
CA ILE A 56 -5.18 14.45 9.60
C ILE A 56 -3.75 14.72 10.10
N CYS A 57 -3.48 14.41 11.37
CA CYS A 57 -2.15 14.58 11.98
C CYS A 57 -1.09 13.84 11.20
N ILE A 58 -1.36 12.58 10.81
CA ILE A 58 -0.47 11.73 9.99
C ILE A 58 -0.30 12.38 8.60
N LEU A 59 -1.41 12.70 7.89
CA LEU A 59 -1.45 13.30 6.55
C LEU A 59 -0.65 14.57 6.41
N LYS A 60 -0.75 15.49 7.40
CA LYS A 60 -0.05 16.78 7.50
C LYS A 60 1.47 16.62 7.40
N MET A 61 2.02 15.56 8.05
CA MET A 61 3.46 15.21 8.04
C MET A 61 3.94 14.75 6.65
N LEU A 62 3.08 14.10 5.85
CA LEU A 62 3.47 13.47 4.58
C LEU A 62 4.01 14.44 3.50
N ASN A 63 5.29 14.27 3.20
CA ASN A 63 6.00 15.07 2.21
C ASN A 63 7.03 14.19 1.51
N HIS A 64 6.57 13.50 0.46
CA HIS A 64 7.37 12.61 -0.39
C HIS A 64 6.63 12.44 -1.72
N GLU A 65 7.42 12.23 -2.78
CA GLU A 65 7.02 12.06 -4.18
C GLU A 65 6.24 10.77 -4.47
N ASN A 66 6.37 9.75 -3.59
CA ASN A 66 5.66 8.47 -3.73
C ASN A 66 4.57 8.30 -2.64
N VAL A 67 4.17 9.43 -2.05
CA VAL A 67 3.14 9.50 -1.02
C VAL A 67 2.13 10.55 -1.47
N ILE A 68 0.82 10.28 -1.35
CA ILE A 68 -0.23 11.24 -1.76
C ILE A 68 -0.16 12.51 -0.85
N LYS A 69 0.02 13.69 -1.47
CA LYS A 69 0.13 14.99 -0.80
C LYS A 69 -1.20 15.39 -0.17
N PHE A 70 -1.15 15.84 1.09
CA PHE A 70 -2.31 16.37 1.80
C PHE A 70 -2.34 17.89 1.55
N TYR A 71 -3.53 18.41 1.22
CA TYR A 71 -3.68 19.84 0.93
C TYR A 71 -4.24 20.66 2.09
N GLY A 72 -5.19 20.07 2.79
CA GLY A 72 -5.86 20.66 3.94
C GLY A 72 -7.18 19.96 4.20
N HIS A 73 -7.87 20.35 5.27
CA HIS A 73 -9.17 19.77 5.57
C HIS A 73 -10.21 20.84 5.83
N ARG A 74 -11.48 20.50 5.58
CA ARG A 74 -12.60 21.41 5.84
C ARG A 74 -13.70 20.63 6.52
N ARG A 75 -14.21 21.19 7.61
CA ARG A 75 -15.31 20.58 8.38
C ARG A 75 -16.57 21.37 8.09
N GLU A 76 -17.67 20.66 7.81
CA GLU A 76 -18.96 21.26 7.53
C GLU A 76 -20.02 20.58 8.39
N GLY A 77 -19.92 20.84 9.69
CA GLY A 77 -20.79 20.28 10.71
C GLY A 77 -20.31 18.91 11.13
N ASN A 78 -21.09 17.88 10.76
CA ASN A 78 -20.78 16.47 11.05
C ASN A 78 -20.05 15.79 9.86
N ILE A 79 -19.71 16.56 8.81
CA ILE A 79 -19.01 16.08 7.60
C ILE A 79 -17.59 16.69 7.46
N GLN A 80 -16.57 15.81 7.29
CA GLN A 80 -15.19 16.22 7.08
C GLN A 80 -14.77 15.98 5.62
N TYR A 81 -14.07 16.94 5.02
CA TYR A 81 -13.56 16.92 3.65
C TYR A 81 -12.03 16.93 3.68
N LEU A 82 -11.40 15.83 3.23
CA LEU A 82 -9.95 15.71 3.24
C LEU A 82 -9.38 15.91 1.84
N PHE A 83 -8.79 17.09 1.61
CA PHE A 83 -8.25 17.48 0.30
C PHE A 83 -6.87 16.89 0.10
N MET A 84 -6.74 16.06 -0.95
CA MET A 84 -5.50 15.37 -1.28
C MET A 84 -5.14 15.52 -2.75
N GLU A 85 -3.89 15.15 -3.05
CA GLU A 85 -3.29 15.13 -4.38
C GLU A 85 -4.10 14.17 -5.28
N LEU A 86 -4.41 14.59 -6.51
CA LEU A 86 -5.15 13.73 -7.42
C LEU A 86 -4.18 12.94 -8.29
N ALA A 87 -4.33 11.62 -8.29
CA ALA A 87 -3.55 10.72 -9.11
C ALA A 87 -4.41 10.36 -10.32
N SER A 88 -4.23 11.11 -11.41
CA SER A 88 -5.02 10.98 -12.64
C SER A 88 -4.90 9.60 -13.35
N GLY A 89 -3.80 8.89 -13.13
CA GLY A 89 -3.55 7.57 -13.71
C GLY A 89 -4.29 6.38 -13.10
N GLY A 90 -5.14 6.63 -12.10
CA GLY A 90 -5.91 5.60 -11.44
C GLY A 90 -5.10 4.74 -10.50
N SER A 91 -5.50 3.50 -10.29
CA SER A 91 -4.76 2.65 -9.37
C SER A 91 -3.89 1.62 -10.08
N LEU A 92 -2.96 1.02 -9.32
CA LEU A 92 -2.09 -0.06 -9.76
C LEU A 92 -2.96 -1.30 -10.05
N PHE A 93 -4.05 -1.49 -9.30
CA PHE A 93 -4.99 -2.62 -9.48
C PHE A 93 -5.37 -2.72 -10.95
N ASP A 94 -5.70 -1.57 -11.58
CA ASP A 94 -6.15 -1.42 -12.96
C ASP A 94 -5.08 -1.64 -14.03
N ARG A 95 -3.81 -1.74 -13.62
CA ARG A 95 -2.65 -2.00 -14.49
C ARG A 95 -2.26 -3.46 -14.49
N ILE A 96 -2.83 -4.27 -13.57
CA ILE A 96 -2.58 -5.70 -13.42
C ILE A 96 -3.65 -6.45 -14.20
N GLU A 97 -3.21 -7.27 -15.15
CA GLU A 97 -4.04 -8.07 -16.02
C GLU A 97 -4.28 -9.39 -15.32
N PRO A 98 -5.56 -9.76 -15.04
CA PRO A 98 -5.81 -11.02 -14.30
C PRO A 98 -5.14 -12.21 -14.96
N ASP A 99 -4.41 -12.99 -14.15
CA ASP A 99 -3.63 -14.19 -14.51
C ASP A 99 -2.38 -13.92 -15.32
N ILE A 100 -2.09 -12.66 -15.68
CA ILE A 100 -0.91 -12.31 -16.47
C ILE A 100 0.08 -11.44 -15.65
N GLY A 101 -0.47 -10.42 -15.02
CA GLY A 101 0.24 -9.44 -14.23
C GLY A 101 0.49 -8.25 -15.11
N MET A 102 1.77 -7.94 -15.33
CA MET A 102 2.22 -6.85 -16.18
C MET A 102 3.65 -7.11 -16.63
N PRO A 103 4.24 -6.30 -17.56
CA PRO A 103 5.64 -6.56 -17.94
C PRO A 103 6.57 -6.37 -16.74
N GLU A 104 7.64 -7.19 -16.65
CA GLU A 104 8.63 -7.12 -15.58
C GLU A 104 9.23 -5.74 -15.38
N PRO A 105 9.60 -4.98 -16.45
CA PRO A 105 10.18 -3.65 -16.22
C PRO A 105 9.21 -2.66 -15.58
N ASP A 106 7.90 -2.77 -15.85
CA ASP A 106 6.87 -1.94 -15.23
C ASP A 106 6.68 -2.34 -13.78
N ALA A 107 6.65 -3.65 -13.49
CA ALA A 107 6.58 -4.19 -12.13
C ALA A 107 7.79 -3.72 -11.32
N GLN A 108 9.01 -3.79 -11.86
CA GLN A 108 10.23 -3.36 -11.14
C GLN A 108 10.22 -1.88 -10.82
N ARG A 109 9.78 -1.08 -11.78
CA ARG A 109 9.67 0.36 -11.58
C ARG A 109 8.72 0.67 -10.39
N PHE A 110 7.46 0.21 -10.45
CA PHE A 110 6.50 0.41 -9.37
C PHE A 110 7.01 -0.13 -8.01
N PHE A 111 7.65 -1.32 -7.99
CA PHE A 111 8.23 -1.87 -6.77
C PHE A 111 9.30 -0.94 -6.15
N HIS A 112 10.17 -0.32 -6.99
CA HIS A 112 11.17 0.68 -6.59
C HIS A 112 10.50 1.86 -5.91
N GLN A 113 9.45 2.44 -6.57
CA GLN A 113 8.67 3.58 -6.06
C GLN A 113 7.87 3.25 -4.82
N LEU A 114 7.48 1.98 -4.68
CA LEU A 114 6.76 1.52 -3.52
C LEU A 114 7.76 1.46 -2.37
N MET A 115 8.97 0.94 -2.62
CA MET A 115 10.04 0.89 -1.61
C MET A 115 10.42 2.29 -1.13
N ALA A 116 10.61 3.25 -2.07
CA ALA A 116 10.89 4.65 -1.75
C ALA A 116 9.83 5.23 -0.77
N GLY A 117 8.53 5.02 -1.07
CA GLY A 117 7.43 5.49 -0.25
C GLY A 117 7.36 4.84 1.12
N VAL A 118 7.60 3.51 1.20
CA VAL A 118 7.57 2.71 2.43
C VAL A 118 8.78 3.11 3.29
N VAL A 119 9.98 3.22 2.68
CA VAL A 119 11.21 3.70 3.33
C VAL A 119 10.91 5.10 3.96
N TYR A 120 10.26 5.98 3.18
CA TYR A 120 9.87 7.28 3.68
C TYR A 120 8.97 7.16 4.90
N LEU A 121 7.81 6.51 4.76
CA LEU A 121 6.86 6.32 5.86
C LEU A 121 7.52 5.71 7.08
N HIS A 122 8.36 4.69 6.91
CA HIS A 122 9.05 4.07 8.04
C HIS A 122 10.06 5.05 8.69
N GLY A 123 10.64 5.92 7.87
CA GLY A 123 11.60 6.95 8.29
C GLY A 123 11.00 7.94 9.27
N ILE A 124 9.72 8.28 9.07
CA ILE A 124 8.96 9.21 9.92
C ILE A 124 8.06 8.45 10.91
N GLY A 125 8.35 7.17 11.15
CA GLY A 125 7.66 6.34 12.14
C GLY A 125 6.20 6.03 11.85
N ILE A 126 5.86 5.96 10.56
CA ILE A 126 4.50 5.70 10.09
C ILE A 126 4.39 4.38 9.38
N THR A 127 3.44 3.56 9.83
CA THR A 127 3.17 2.31 9.12
C THR A 127 1.81 2.43 8.41
N HIS A 128 1.74 2.10 7.12
CA HIS A 128 0.51 2.18 6.33
C HIS A 128 -0.53 1.13 6.72
N ARG A 129 -0.08 -0.13 6.90
CA ARG A 129 -0.90 -1.27 7.36
C ARG A 129 -1.93 -1.83 6.31
N ASP A 130 -2.06 -1.19 5.13
CA ASP A 130 -2.96 -1.66 4.08
C ASP A 130 -2.33 -1.52 2.70
N ILE A 131 -1.08 -1.97 2.56
CA ILE A 131 -0.43 -1.90 1.26
C ILE A 131 -1.00 -2.99 0.32
N LYS A 132 -1.72 -2.55 -0.73
CA LYS A 132 -2.37 -3.42 -1.71
C LYS A 132 -2.59 -2.58 -2.98
N PRO A 133 -2.78 -3.22 -4.17
CA PRO A 133 -2.85 -2.43 -5.42
C PRO A 133 -3.90 -1.33 -5.43
N HIS A 134 -5.05 -1.55 -4.79
CA HIS A 134 -6.09 -0.51 -4.70
C HIS A 134 -5.66 0.75 -3.97
N ASN A 135 -4.63 0.66 -3.07
CA ASN A 135 -4.11 1.84 -2.34
C ASN A 135 -2.88 2.46 -2.99
N LEU A 136 -2.46 1.92 -4.13
CA LEU A 136 -1.27 2.36 -4.86
C LEU A 136 -1.74 3.02 -6.14
N LEU A 137 -1.66 4.32 -6.14
CA LEU A 137 -2.17 5.15 -7.23
C LEU A 137 -1.09 5.66 -8.12
N LEU A 138 -1.47 6.00 -9.34
CA LEU A 138 -0.54 6.49 -10.34
C LEU A 138 -0.80 7.89 -10.75
N ASP A 139 0.25 8.68 -10.92
CA ASP A 139 0.05 10.03 -11.47
C ASP A 139 0.03 9.99 -13.01
N GLU A 140 0.06 11.15 -13.69
CA GLU A 140 0.05 11.28 -15.16
C GLU A 140 1.31 10.68 -15.83
N ARG A 141 2.44 10.70 -15.12
CA ARG A 141 3.75 10.20 -15.57
C ARG A 141 3.99 8.79 -15.02
N ASP A 142 2.89 8.10 -14.61
CA ASP A 142 2.86 6.75 -14.04
C ASP A 142 3.72 6.59 -12.77
N ASN A 143 3.86 7.66 -11.97
CA ASN A 143 4.59 7.58 -10.70
C ASN A 143 3.61 7.11 -9.64
N LEU A 144 4.03 6.08 -8.92
CA LEU A 144 3.28 5.41 -7.87
C LEU A 144 3.20 6.30 -6.65
N LYS A 145 2.03 6.31 -6.00
CA LYS A 145 1.71 7.05 -4.78
C LYS A 145 0.98 6.14 -3.81
N ILE A 146 1.43 6.12 -2.54
CA ILE A 146 0.74 5.34 -1.51
C ILE A 146 -0.32 6.27 -1.00
N ALA A 147 -1.58 5.84 -1.04
CA ALA A 147 -2.77 6.58 -0.66
C ALA A 147 -3.46 5.89 0.48
N ASP A 148 -4.53 6.52 1.02
CA ASP A 148 -5.39 6.06 2.11
C ASP A 148 -4.62 5.76 3.42
N TYR A 149 -4.71 6.70 4.39
CA TYR A 149 -4.00 6.68 5.68
C TYR A 149 -4.94 6.49 6.89
N SER A 150 -6.13 5.94 6.65
CA SER A 150 -7.13 5.70 7.70
C SER A 150 -6.76 4.53 8.61
N LEU A 151 -5.94 3.60 8.12
CA LEU A 151 -5.44 2.49 8.93
C LEU A 151 -4.01 2.76 9.37
N ALA A 152 -3.35 3.83 8.85
CA ALA A 152 -1.97 4.20 9.18
C ALA A 152 -1.83 4.54 10.64
N THR A 153 -0.69 4.21 11.23
CA THR A 153 -0.46 4.49 12.63
C THR A 153 1.01 4.75 12.90
N VAL A 154 1.29 5.33 14.09
CA VAL A 154 2.63 5.66 14.57
C VAL A 154 3.24 4.42 15.25
N PHE A 155 4.33 3.90 14.69
CA PHE A 155 5.00 2.75 15.28
C PHE A 155 6.28 3.21 15.96
N ARG A 156 6.70 4.48 15.70
CA ARG A 156 7.90 5.05 16.29
C ARG A 156 7.71 6.52 16.61
N TYR A 157 7.96 6.85 17.88
CA TYR A 157 7.80 8.20 18.43
C TYR A 157 8.88 8.40 19.46
N ASN A 158 9.59 9.54 19.41
CA ASN A 158 10.70 9.85 20.31
C ASN A 158 11.72 8.72 20.26
N ASN A 159 11.99 8.26 19.00
CA ASN A 159 12.91 7.16 18.66
C ASN A 159 12.66 5.91 19.49
N ARG A 160 11.45 5.78 19.99
CA ARG A 160 11.03 4.63 20.74
C ARG A 160 9.99 3.90 19.90
N GLU A 161 10.26 2.63 19.63
CA GLU A 161 9.38 1.80 18.83
C GLU A 161 8.32 1.23 19.70
N ARG A 162 7.10 1.17 19.14
CA ARG A 162 5.89 0.66 19.73
C ARG A 162 5.46 -0.53 18.90
N LEU A 163 5.21 -1.68 19.52
CA LEU A 163 4.74 -2.84 18.79
C LEU A 163 3.24 -2.67 18.55
N LEU A 164 2.74 -3.19 17.43
CA LEU A 164 1.30 -3.08 17.14
C LEU A 164 0.60 -4.26 17.79
N ASN A 165 -0.65 -4.09 18.16
CA ASN A 165 -1.42 -5.23 18.72
C ASN A 165 -2.73 -5.40 18.02
N LYS A 166 -3.23 -4.33 17.41
CA LYS A 166 -4.48 -4.36 16.72
C LYS A 166 -4.29 -5.03 15.33
N MET A 167 -5.25 -5.87 14.95
CA MET A 167 -5.20 -6.60 13.68
C MET A 167 -5.94 -5.76 12.65
N CYS A 168 -5.17 -5.12 11.75
CA CYS A 168 -5.64 -4.22 10.69
C CYS A 168 -5.11 -4.69 9.33
N GLY A 169 -5.79 -4.32 8.24
CA GLY A 169 -5.39 -4.71 6.90
C GLY A 169 -6.40 -5.51 6.10
N THR A 170 -5.90 -6.16 5.01
CA THR A 170 -6.66 -7.01 4.07
C THR A 170 -5.98 -8.38 4.08
N LEU A 171 -6.77 -9.41 4.45
CA LEU A 171 -6.35 -10.80 4.65
C LEU A 171 -5.34 -11.34 3.61
N PRO A 172 -5.52 -11.26 2.26
CA PRO A 172 -4.52 -11.84 1.36
C PRO A 172 -3.15 -11.12 1.33
N TYR A 173 -3.07 -9.93 1.93
CA TYR A 173 -1.89 -9.07 2.06
C TYR A 173 -1.26 -9.07 3.47
N VAL A 174 -1.97 -9.51 4.51
CA VAL A 174 -1.40 -9.43 5.86
C VAL A 174 -0.27 -10.40 6.06
N ALA A 175 0.67 -10.02 6.93
CA ALA A 175 1.77 -10.88 7.32
C ALA A 175 1.19 -11.95 8.28
N PRO A 176 1.74 -13.18 8.31
CA PRO A 176 1.20 -14.21 9.23
C PRO A 176 1.33 -13.91 10.74
N GLU A 177 2.33 -13.10 11.19
CA GLU A 177 2.46 -12.79 12.61
C GLU A 177 1.25 -12.00 13.09
N LEU A 178 0.66 -11.20 12.19
CA LEU A 178 -0.51 -10.37 12.48
C LEU A 178 -1.70 -11.23 12.88
N LEU A 179 -1.78 -12.48 12.40
CA LEU A 179 -2.87 -13.40 12.74
C LEU A 179 -2.57 -14.28 13.99
N LYS A 180 -1.28 -14.54 14.26
CA LYS A 180 -0.78 -15.45 15.29
C LYS A 180 -0.15 -14.79 16.53
N ARG A 181 0.05 -13.47 16.52
CA ARG A 181 0.72 -12.79 17.63
C ARG A 181 -0.10 -11.74 18.30
N ARG A 182 0.17 -11.55 19.63
CA ARG A 182 -0.49 -10.54 20.44
C ARG A 182 0.13 -9.19 20.11
N GLU A 183 1.45 -9.18 19.86
CA GLU A 183 2.24 -8.01 19.48
C GLU A 183 3.22 -8.39 18.41
N PHE A 184 3.48 -7.46 17.49
CA PHE A 184 4.40 -7.66 16.36
C PHE A 184 4.98 -6.32 15.87
N HIS A 185 6.14 -6.37 15.20
CA HIS A 185 6.82 -5.18 14.65
C HIS A 185 6.10 -4.71 13.42
N ALA A 186 5.95 -3.39 13.26
CA ALA A 186 5.19 -2.82 12.14
C ALA A 186 5.83 -2.95 10.76
N GLU A 187 7.15 -2.78 10.70
CA GLU A 187 7.89 -2.74 9.45
C GLU A 187 7.87 -4.04 8.68
N PRO A 188 8.11 -5.25 9.30
CA PRO A 188 8.06 -6.50 8.50
C PRO A 188 6.66 -6.79 7.95
N VAL A 189 5.63 -6.18 8.55
CA VAL A 189 4.27 -6.33 8.11
C VAL A 189 4.14 -5.63 6.77
N ASP A 190 4.63 -4.40 6.66
CA ASP A 190 4.61 -3.62 5.42
C ASP A 190 5.43 -4.28 4.31
N VAL A 191 6.64 -4.76 4.62
CA VAL A 191 7.53 -5.50 3.69
C VAL A 191 6.75 -6.71 3.10
N TRP A 192 6.09 -7.50 3.96
CA TRP A 192 5.31 -8.65 3.53
C TRP A 192 4.24 -8.29 2.48
N SER A 193 3.41 -7.27 2.74
CA SER A 193 2.36 -6.86 1.80
C SER A 193 2.95 -6.38 0.47
N CYS A 194 4.14 -5.73 0.52
CA CYS A 194 4.87 -5.29 -0.67
C CYS A 194 5.24 -6.50 -1.51
N GLY A 195 5.63 -7.59 -0.86
CA GLY A 195 5.87 -8.89 -1.50
C GLY A 195 4.65 -9.48 -2.19
N ILE A 196 3.44 -9.36 -1.59
CA ILE A 196 2.16 -9.82 -2.20
C ILE A 196 1.78 -8.96 -3.42
N VAL A 197 2.05 -7.63 -3.32
CA VAL A 197 1.87 -6.61 -4.37
C VAL A 197 2.76 -7.00 -5.55
N LEU A 198 4.03 -7.32 -5.25
CA LEU A 198 5.00 -7.78 -6.24
C LEU A 198 4.48 -9.03 -6.92
N THR A 199 3.96 -10.01 -6.16
CA THR A 199 3.43 -11.29 -6.71
C THR A 199 2.28 -11.01 -7.66
N ALA A 200 1.33 -10.18 -7.23
CA ALA A 200 0.18 -9.74 -8.01
C ALA A 200 0.64 -9.07 -9.30
N MET A 201 1.70 -8.26 -9.26
CA MET A 201 2.20 -7.55 -10.46
C MET A 201 2.80 -8.46 -11.51
N LEU A 202 3.31 -9.61 -11.08
CA LEU A 202 4.04 -10.56 -11.89
C LEU A 202 3.25 -11.78 -12.31
N ALA A 203 2.23 -12.12 -11.56
CA ALA A 203 1.42 -13.24 -11.91
C ALA A 203 -0.06 -12.91 -12.18
N GLY A 204 -0.52 -11.70 -11.81
CA GLY A 204 -1.92 -11.26 -11.94
C GLY A 204 -2.85 -12.11 -11.12
N GLU A 205 -2.29 -12.69 -10.04
CA GLU A 205 -2.90 -13.63 -9.14
C GLU A 205 -2.35 -13.45 -7.72
N LEU A 206 -3.21 -13.61 -6.69
CA LEU A 206 -2.80 -13.57 -5.30
C LEU A 206 -2.38 -14.98 -4.86
N PRO A 207 -1.33 -15.14 -4.05
CA PRO A 207 -0.89 -16.50 -3.74
C PRO A 207 -1.82 -17.36 -2.88
N TRP A 208 -2.61 -16.76 -1.98
CA TRP A 208 -3.51 -17.44 -1.02
C TRP A 208 -4.56 -16.43 -0.57
N ASP A 209 -5.51 -16.87 0.31
CA ASP A 209 -6.56 -16.03 0.87
C ASP A 209 -6.18 -15.42 2.23
N GLN A 210 -5.23 -16.08 2.93
CA GLN A 210 -4.64 -15.66 4.19
C GLN A 210 -3.38 -16.48 4.52
N PRO A 211 -2.33 -15.89 5.14
CA PRO A 211 -1.13 -16.67 5.46
C PRO A 211 -1.25 -17.53 6.73
N SER A 212 -2.22 -18.45 6.74
CA SER A 212 -2.43 -19.38 7.86
C SER A 212 -2.30 -20.82 7.38
N ASP A 213 -1.65 -21.67 8.19
CA ASP A 213 -1.40 -23.10 7.97
C ASP A 213 -2.61 -23.87 7.41
N SER A 214 -3.84 -23.46 7.79
CA SER A 214 -5.09 -24.05 7.30
C SER A 214 -5.19 -23.94 5.78
N CYS A 215 -4.85 -22.75 5.20
CA CYS A 215 -4.88 -22.49 3.76
C CYS A 215 -3.77 -23.31 3.09
N GLN A 216 -4.19 -24.25 2.22
CA GLN A 216 -3.29 -25.17 1.52
C GLN A 216 -2.24 -24.44 0.66
N GLU A 217 -2.67 -23.38 -0.08
CA GLU A 217 -1.82 -22.55 -0.96
C GLU A 217 -0.61 -21.97 -0.19
N TYR A 218 -0.84 -21.53 1.07
CA TYR A 218 0.20 -21.03 1.95
C TYR A 218 1.14 -22.14 2.41
N SER A 219 0.60 -23.31 2.79
CA SER A 219 1.42 -24.46 3.19
C SER A 219 2.30 -24.97 2.04
N ASP A 220 1.75 -24.92 0.79
CA ASP A 220 2.44 -25.27 -0.45
C ASP A 220 3.65 -24.34 -0.64
N TRP A 221 3.49 -23.01 -0.39
CA TRP A 221 4.57 -22.01 -0.44
C TRP A 221 5.69 -22.37 0.53
N LYS A 222 5.36 -22.62 1.82
CA LYS A 222 6.34 -23.01 2.85
C LYS A 222 7.07 -24.33 2.50
N GLU A 223 6.40 -25.24 1.77
CA GLU A 223 6.98 -26.52 1.32
C GLU A 223 7.89 -26.34 0.12
N LYS A 224 7.89 -25.13 -0.50
CA LYS A 224 8.72 -24.70 -1.65
C LYS A 224 8.15 -25.18 -3.00
N LYS A 225 6.83 -25.47 -3.05
CA LYS A 225 6.09 -25.93 -4.22
C LYS A 225 5.91 -24.81 -5.29
N THR A 226 7.05 -24.31 -5.82
CA THR A 226 7.11 -23.22 -6.79
C THR A 226 6.66 -23.62 -8.21
N TYR A 227 6.38 -24.93 -8.43
CA TYR A 227 5.87 -25.51 -9.69
C TYR A 227 4.37 -25.22 -9.81
N LEU A 228 3.77 -24.61 -8.77
CA LEU A 228 2.36 -24.26 -8.68
C LEU A 228 2.16 -22.74 -8.94
N ASN A 229 0.92 -22.36 -9.27
CA ASN A 229 0.54 -20.96 -9.45
C ASN A 229 0.52 -20.30 -8.05
N PRO A 230 0.81 -18.98 -7.98
CA PRO A 230 1.13 -18.07 -9.10
C PRO A 230 2.62 -18.10 -9.46
N TRP A 231 3.43 -18.86 -8.68
CA TRP A 231 4.89 -18.93 -8.69
C TRP A 231 5.52 -19.35 -10.01
N LYS A 232 4.90 -20.29 -10.75
CA LYS A 232 5.42 -20.77 -12.03
C LYS A 232 5.35 -19.71 -13.14
N LYS A 233 4.60 -18.60 -12.91
CA LYS A 233 4.52 -17.51 -13.88
C LYS A 233 5.62 -16.50 -13.66
N ILE A 234 6.30 -16.57 -12.50
CA ILE A 234 7.32 -15.60 -12.07
C ILE A 234 8.71 -16.07 -12.44
N ASP A 235 9.54 -15.19 -13.01
CA ASP A 235 10.93 -15.51 -13.33
C ASP A 235 11.78 -15.80 -12.06
N SER A 236 12.81 -16.62 -12.17
CA SER A 236 13.64 -17.06 -11.03
C SER A 236 14.26 -15.92 -10.21
N ALA A 237 14.64 -14.80 -10.86
CA ALA A 237 15.23 -13.65 -10.19
C ALA A 237 14.18 -12.93 -9.33
N PRO A 238 12.99 -12.46 -9.82
CA PRO A 238 12.03 -11.86 -8.89
C PRO A 238 11.53 -12.90 -7.89
N LEU A 239 11.42 -14.20 -8.32
CA LEU A 239 11.03 -15.25 -7.39
C LEU A 239 12.01 -15.38 -6.24
N ALA A 240 13.34 -15.18 -6.49
CA ALA A 240 14.37 -15.26 -5.43
C ALA A 240 14.13 -14.20 -4.34
N LEU A 241 13.70 -12.98 -4.76
CA LEU A 241 13.36 -11.87 -3.88
C LEU A 241 12.14 -12.25 -3.03
N LEU A 242 11.08 -12.79 -3.66
CA LEU A 242 9.86 -13.18 -2.97
C LEU A 242 10.11 -14.25 -1.94
N HIS A 243 11.12 -15.12 -2.20
CA HIS A 243 11.50 -16.18 -1.27
C HIS A 243 11.98 -15.55 0.01
N LYS A 244 12.62 -14.38 -0.05
CA LYS A 244 13.18 -13.61 1.07
C LYS A 244 12.17 -12.68 1.76
N ILE A 245 11.15 -12.19 1.01
CA ILE A 245 10.09 -11.31 1.53
C ILE A 245 9.02 -12.17 2.21
N LEU A 246 8.48 -13.17 1.52
CA LEU A 246 7.38 -14.01 2.03
C LEU A 246 7.83 -15.13 2.99
N VAL A 247 8.67 -14.76 4.00
CA VAL A 247 9.23 -15.64 5.03
C VAL A 247 8.32 -15.53 6.26
N GLU A 248 7.86 -16.68 6.82
CA GLU A 248 6.91 -16.71 7.95
C GLU A 248 7.39 -15.96 9.20
N ASN A 249 8.62 -16.21 9.64
CA ASN A 249 9.22 -15.58 10.80
C ASN A 249 9.60 -14.10 10.47
N PRO A 250 8.97 -13.10 11.14
CA PRO A 250 9.29 -11.68 10.84
C PRO A 250 10.73 -11.25 11.15
N SER A 251 11.46 -12.07 11.94
CA SER A 251 12.85 -11.78 12.33
C SER A 251 13.84 -12.26 11.28
N ALA A 252 13.49 -13.38 10.60
CA ALA A 252 14.25 -13.99 9.51
C ALA A 252 14.02 -13.23 8.20
N ARG A 253 12.85 -12.54 8.07
CA ARG A 253 12.38 -11.80 6.90
C ARG A 253 13.32 -10.68 6.50
N ILE A 254 13.44 -10.44 5.20
CA ILE A 254 14.29 -9.41 4.63
C ILE A 254 13.73 -8.06 4.96
N THR A 255 14.63 -7.08 5.10
CA THR A 255 14.34 -5.68 5.38
C THR A 255 14.61 -4.89 4.10
N ILE A 256 14.06 -3.68 3.99
CA ILE A 256 14.24 -2.82 2.82
C ILE A 256 15.73 -2.55 2.52
N PRO A 257 16.66 -2.28 3.49
CA PRO A 257 18.09 -2.16 3.12
C PRO A 257 18.64 -3.37 2.34
N ASP A 258 18.26 -4.58 2.74
CA ASP A 258 18.73 -5.76 2.02
C ASP A 258 17.90 -6.06 0.76
N ILE A 259 16.67 -5.51 0.65
CA ILE A 259 15.84 -5.63 -0.59
C ILE A 259 16.58 -4.78 -1.62
N LYS A 260 17.06 -3.59 -1.21
CA LYS A 260 17.81 -2.67 -2.06
C LYS A 260 19.13 -3.29 -2.63
N LYS A 261 19.62 -4.39 -1.99
CA LYS A 261 20.82 -5.17 -2.38
C LYS A 261 20.53 -6.39 -3.25
N ASP A 262 19.23 -6.80 -3.34
CA ASP A 262 18.77 -7.96 -4.13
C ASP A 262 19.10 -7.83 -5.62
N ARG A 263 19.49 -8.95 -6.24
CA ARG A 263 19.86 -9.05 -7.66
C ARG A 263 18.74 -8.60 -8.61
N TRP A 264 17.51 -9.11 -8.45
CA TRP A 264 16.42 -8.67 -9.35
C TRP A 264 16.09 -7.21 -9.17
N TYR A 265 16.09 -6.70 -7.92
CA TYR A 265 15.83 -5.31 -7.58
C TYR A 265 16.74 -4.35 -8.39
N ASN A 266 18.00 -4.76 -8.54
CA ASN A 266 19.07 -4.06 -9.24
C ASN A 266 19.27 -4.50 -10.70
N LYS A 267 18.46 -5.45 -11.21
CA LYS A 267 18.58 -5.96 -12.57
C LYS A 267 18.10 -4.95 -13.59
N PRO A 268 18.96 -4.49 -14.54
CA PRO A 268 18.48 -3.53 -15.57
C PRO A 268 17.45 -4.21 -16.46
N LEU A 269 16.24 -3.63 -16.56
CA LEU A 269 15.14 -4.27 -17.33
C LEU A 269 14.59 -3.36 -18.44
N LYS A 270 14.25 -3.98 -19.58
CA LYS A 270 13.71 -3.40 -20.83
C LYS A 270 12.56 -2.39 -20.61
N1 BXI B . -9.38 6.50 -10.48
N3 BXI B . -6.61 10.17 -6.98
C4 BXI B . -10.00 5.99 -13.41
C5 BXI B . -11.37 5.54 -12.94
C6 BXI B . -9.96 6.06 -14.94
C7 BXI B . -8.50 8.51 -10.92
C8 BXI B . -6.51 10.28 -5.67
C10 BXI B . -6.95 9.39 -3.34
C13 BXI B . -8.83 6.21 -2.36
C15 BXI B . -8.32 3.98 -1.31
C17 BXI B . -11.13 1.30 -1.74
C20 BXI B . -10.15 5.62 -2.88
C21 BXI B . -8.60 7.47 -4.51
C22 BXI B . -7.97 8.44 -5.32
CL1 BXI B . -7.18 8.35 -0.88
C11 BXI B . -7.50 8.37 -2.60
C12 BXI B . -8.29 7.38 -3.17
C19 BXI B . -10.63 4.48 -2.00
N4 BXI B . -9.57 3.41 -1.92
C16 BXI B . -10.05 2.21 -1.10
C18 BXI B . -9.17 0.91 -1.22
O1 BXI B . -10.28 0.13 -1.75
C14 BXI B . -7.79 5.09 -2.22
C9 BXI B . -7.15 9.43 -4.73
N5 BXI B . -8.09 8.30 -6.68
C BXI B . -7.39 9.18 -7.42
N BXI B . -7.59 9.16 -8.80
C1 BXI B . -8.28 8.27 -9.58
CL BXI B . -8.12 9.90 -11.83
N2 BXI B . -9.16 7.45 -11.45
C2 BXI B . -8.85 7.01 -9.38
C3 BXI B . -9.66 7.37 -12.81
O BXI B . -9.03 5.03 -13.00
#